data_3T3V
#
_entry.id   3T3V
#
_cell.length_a   47.973
_cell.length_b   71.934
_cell.length_c   66.621
_cell.angle_alpha   90.000
_cell.angle_beta   103.470
_cell.angle_gamma   90.000
#
_symmetry.space_group_name_H-M   'P 1 21 1'
#
loop_
_entity.id
_entity.type
_entity.pdbx_description
1 polymer 'Calmodulin-domain protein kinase 1'
2 non-polymer 3-(6-methoxynaphthalen-2-yl)-1-(propan-2-yl)-1H-pyrazolo[3,4-d]pyrimidin-4-amine
3 non-polymer 1,2-ETHANEDIOL
4 water water
#
_entity_poly.entity_id   1
_entity_poly.type   'polypeptide(L)'
_entity_poly.pdbx_seq_one_letter_code
;GPGSMMDHLHATPGMFVQHSTAIFSDRYKGQRVLGKGSFGEVILCKDKITGQECAVKVISKRQVKQKTDKESLLREVQLL
KQLDHPNIMKLYEFFEDKGYFYLVGEVYTGGELFDEIISRKRFSEVDAARIIRQVLSGITYMHKNKIVHRDLKPENLLLE
SKSKDANIRIIDFGLSTHFEASKKMKDKIGTAYYIAPEVLHGTYDEKCDVWSTGVILYILLSGCPPFNGANEYDILKKVE
KGKYTFELPQWKKVSESAKDLIRKMLTYVPSMRISARDALDHEWIQTYTKEQISVDVPSLDNAILNIRQFQGTQKLAQAA
LLYMGSKLTSQDETKELTAIFHKMDKNGDGQLDRAELIEGYKELMRMKGQDASMLDASAVEHEVDQVLDAVDFDKNGYIE
YSEFVTVAMDRKTLLSRERLERAFRMFDSDNSGKISSTELATIFGVSDVDSETWKSVLSEVDKNNDGEVDFDEFQQMLLK
LCGN
;
_entity_poly.pdbx_strand_id   A
#
# COMPACT_ATOMS: atom_id res chain seq x y z
N ALA A 22 16.14 -2.40 -24.98
CA ALA A 22 16.50 -1.29 -24.05
C ALA A 22 16.59 -1.81 -22.62
N ILE A 23 17.54 -1.27 -21.85
CA ILE A 23 17.75 -1.70 -20.47
C ILE A 23 17.37 -0.58 -19.51
N PHE A 24 16.65 -0.96 -18.45
CA PHE A 24 16.03 0.02 -17.55
C PHE A 24 17.07 0.91 -16.89
N SER A 25 18.10 0.29 -16.31
CA SER A 25 19.12 1.01 -15.53
C SER A 25 20.07 1.85 -16.39
N ASP A 26 20.11 1.56 -17.69
CA ASP A 26 20.84 2.41 -18.65
C ASP A 26 20.23 3.80 -18.72
N ARG A 27 18.91 3.86 -18.55
CA ARG A 27 18.13 5.10 -18.72
C ARG A 27 17.82 5.81 -17.41
N TYR A 28 17.53 5.02 -16.38
CA TYR A 28 17.03 5.54 -15.11
C TYR A 28 17.93 5.19 -13.94
N LYS A 29 18.03 6.12 -12.99
CA LYS A 29 18.68 5.89 -11.70
C LYS A 29 17.69 6.05 -10.54
N GLY A 30 17.84 5.20 -9.53
CA GLY A 30 17.01 5.23 -8.33
C GLY A 30 17.38 6.38 -7.41
N GLN A 31 16.38 7.14 -6.98
CA GLN A 31 16.57 8.26 -6.03
C GLN A 31 16.26 7.79 -4.62
N ARG A 32 15.11 7.15 -4.49
CA ARG A 32 14.65 6.59 -3.21
C ARG A 32 13.36 5.76 -3.37
N VAL A 33 13.03 5.01 -2.34
CA VAL A 33 11.81 4.19 -2.36
C VAL A 33 10.62 5.02 -1.91
N LEU A 34 9.61 5.09 -2.77
CA LEU A 34 8.37 5.82 -2.46
C LEU A 34 7.49 5.00 -1.53
N GLY A 35 7.58 3.68 -1.68
CA GLY A 35 6.82 2.73 -0.86
C GLY A 35 6.50 1.42 -1.54
N LYS A 36 5.76 0.59 -0.82
CA LYS A 36 5.27 -0.67 -1.36
C LYS A 36 3.82 -0.49 -1.79
N GLY A 37 3.53 -0.94 -2.99
CA GLY A 37 2.16 -0.98 -3.48
C GLY A 37 1.80 -2.38 -3.90
N SER A 38 0.65 -2.51 -4.54
CA SER A 38 0.25 -3.80 -5.11
C SER A 38 1.27 -4.25 -6.15
N PHE A 39 1.63 -5.53 -6.07
CA PHE A 39 2.48 -6.23 -7.05
C PHE A 39 3.97 -5.91 -7.02
N GLY A 40 4.36 -4.88 -6.27
CA GLY A 40 5.76 -4.52 -6.16
C GLY A 40 6.08 -3.22 -5.45
N GLU A 41 7.37 -2.97 -5.30
CA GLU A 41 7.88 -1.75 -4.69
CA GLU A 41 7.88 -1.74 -4.68
C GLU A 41 7.87 -0.62 -5.72
N VAL A 42 7.71 0.60 -5.23
CA VAL A 42 7.72 1.76 -6.12
C VAL A 42 8.89 2.66 -5.74
N ILE A 43 9.70 2.94 -6.75
CA ILE A 43 10.93 3.70 -6.57
C ILE A 43 10.87 5.01 -7.34
N LEU A 44 11.21 6.09 -6.65
CA LEU A 44 11.37 7.38 -7.30
C LEU A 44 12.68 7.32 -8.07
N CYS A 45 12.56 7.40 -9.38
CA CYS A 45 13.70 7.34 -10.30
C CYS A 45 13.86 8.61 -11.11
N LYS A 46 15.05 8.77 -11.67
CA LYS A 46 15.37 9.94 -12.46
C LYS A 46 16.02 9.51 -13.77
N ASP A 47 15.59 10.15 -14.85
CA ASP A 47 16.18 9.91 -16.18
C ASP A 47 17.61 10.47 -16.16
N LYS A 48 18.57 9.64 -16.56
CA LYS A 48 20.01 9.99 -16.45
C LYS A 48 20.45 11.12 -17.39
N ILE A 49 19.64 11.39 -18.40
CA ILE A 49 19.96 12.40 -19.40
C ILE A 49 19.14 13.67 -19.21
N THR A 50 17.82 13.51 -19.14
CA THR A 50 16.86 14.63 -19.14
C THR A 50 16.57 15.18 -17.76
N GLY A 51 16.93 14.41 -16.74
CA GLY A 51 16.64 14.75 -15.36
C GLY A 51 15.20 14.53 -14.94
N GLN A 52 14.39 13.93 -15.80
CA GLN A 52 12.97 13.73 -15.49
C GLN A 52 12.79 12.74 -14.35
N GLU A 53 11.99 13.15 -13.37
CA GLU A 53 11.65 12.29 -12.24
C GLU A 53 10.44 11.43 -12.61
N CYS A 54 10.47 10.19 -12.15
CA CYS A 54 9.39 9.21 -12.40
CA CYS A 54 9.35 9.27 -12.36
C CYS A 54 9.19 8.28 -11.21
N ALA A 55 7.98 7.73 -11.13
CA ALA A 55 7.64 6.69 -10.16
C ALA A 55 7.61 5.33 -10.87
N VAL A 56 8.51 4.44 -10.49
CA VAL A 56 8.68 3.17 -11.19
C VAL A 56 8.21 1.99 -10.33
N LYS A 57 7.11 1.38 -10.76
CA LYS A 57 6.64 0.15 -10.11
C LYS A 57 7.44 -1.02 -10.65
N VAL A 58 8.11 -1.71 -9.72
CA VAL A 58 9.01 -2.81 -10.05
C VAL A 58 8.36 -4.11 -9.62
N ILE A 59 8.05 -4.95 -10.59
CA ILE A 59 7.36 -6.21 -10.33
C ILE A 59 8.29 -7.39 -10.50
N SER A 60 8.49 -8.11 -9.39
CA SER A 60 9.36 -9.30 -9.36
C SER A 60 8.63 -10.51 -9.94
N LYS A 61 9.18 -11.06 -11.02
CA LYS A 61 8.58 -12.20 -11.73
C LYS A 61 8.45 -13.44 -10.83
N ARG A 62 9.44 -13.62 -9.96
CA ARG A 62 9.47 -14.76 -9.03
C ARG A 62 8.34 -14.69 -8.00
N GLN A 63 8.06 -13.47 -7.56
CA GLN A 63 7.10 -13.23 -6.47
C GLN A 63 5.67 -13.04 -6.98
N VAL A 64 5.55 -12.58 -8.22
CA VAL A 64 4.23 -12.30 -8.83
C VAL A 64 4.05 -13.04 -10.16
N LYS A 65 3.04 -13.89 -10.18
CA LYS A 65 2.72 -14.68 -11.36
C LYS A 65 1.89 -13.86 -12.34
N GLN A 66 2.11 -14.13 -13.63
CA GLN A 66 1.32 -13.54 -14.71
C GLN A 66 0.11 -14.42 -15.01
N LYS A 67 -1.03 -13.79 -15.18
CA LYS A 67 -2.28 -14.49 -15.56
C LYS A 67 -2.44 -14.55 -17.08
N THR A 68 -1.99 -13.50 -17.75
CA THR A 68 -2.05 -13.38 -19.21
C THR A 68 -0.75 -13.81 -19.85
N ASP A 69 -0.75 -13.88 -21.18
CA ASP A 69 0.49 -14.15 -21.94
C ASP A 69 1.26 -12.86 -22.26
N LYS A 70 2.44 -13.02 -22.81
CA LYS A 70 3.34 -11.90 -23.13
C LYS A 70 2.70 -10.92 -24.10
N GLU A 71 2.13 -11.44 -25.17
CA GLU A 71 1.50 -10.62 -26.24
C GLU A 71 0.40 -9.69 -25.70
N SER A 72 -0.37 -10.21 -24.77
CA SER A 72 -1.50 -9.48 -24.17
C SER A 72 -1.01 -8.35 -23.25
N LEU A 73 0.01 -8.63 -22.46
CA LEU A 73 0.61 -7.63 -21.57
C LEU A 73 1.22 -6.48 -22.39
N LEU A 74 2.02 -6.84 -23.38
CA LEU A 74 2.68 -5.85 -24.25
C LEU A 74 1.66 -4.92 -24.89
N ARG A 75 0.58 -5.49 -25.41
CA ARG A 75 -0.44 -4.73 -26.11
C ARG A 75 -1.22 -3.81 -25.18
N GLU A 76 -1.47 -4.30 -23.96
CA GLU A 76 -2.14 -3.52 -22.93
C GLU A 76 -1.30 -2.31 -22.55
N VAL A 77 -0.02 -2.57 -22.29
CA VAL A 77 0.95 -1.52 -21.95
C VAL A 77 0.99 -0.45 -23.04
N GLN A 78 1.01 -0.90 -24.29
CA GLN A 78 1.07 0.00 -25.45
C GLN A 78 -0.18 0.91 -25.51
N LEU A 79 -1.33 0.32 -25.20
CA LEU A 79 -2.59 1.09 -25.10
C LEU A 79 -2.48 2.15 -23.99
N LEU A 80 -2.07 1.68 -22.81
CA LEU A 80 -1.97 2.54 -21.62
C LEU A 80 -1.07 3.75 -21.85
N LYS A 81 0.01 3.55 -22.60
CA LYS A 81 0.94 4.63 -22.94
C LYS A 81 0.25 5.75 -23.74
N GLN A 82 -0.77 5.38 -24.49
CA GLN A 82 -1.49 6.33 -25.35
C GLN A 82 -2.68 6.98 -24.67
N LEU A 83 -3.06 6.46 -23.51
CA LEU A 83 -4.21 6.98 -22.77
C LEU A 83 -3.82 8.18 -21.91
N ASP A 84 -4.78 9.09 -21.74
CA ASP A 84 -4.55 10.34 -21.02
CA ASP A 84 -4.55 10.34 -21.01
C ASP A 84 -5.84 10.83 -20.37
N HIS A 85 -5.82 10.96 -19.06
CA HIS A 85 -6.97 11.49 -18.31
C HIS A 85 -6.46 12.08 -16.98
N PRO A 86 -6.99 13.24 -16.57
CA PRO A 86 -6.46 13.92 -15.38
C PRO A 86 -6.61 13.17 -14.05
N ASN A 87 -7.49 12.17 -14.01
CA ASN A 87 -7.68 11.38 -12.78
C ASN A 87 -7.12 9.97 -12.84
N ILE A 88 -6.29 9.72 -13.86
CA ILE A 88 -5.61 8.43 -14.04
C ILE A 88 -4.10 8.64 -14.05
N MET A 89 -3.38 7.81 -13.31
CA MET A 89 -1.91 7.83 -13.36
C MET A 89 -1.41 7.69 -14.79
N LYS A 90 -0.56 8.60 -15.18
CA LYS A 90 0.09 8.57 -16.50
C LYS A 90 1.21 7.55 -16.54
N LEU A 91 1.13 6.63 -17.51
CA LEU A 91 2.19 5.66 -17.80
C LEU A 91 3.04 6.13 -18.98
N TYR A 92 4.35 6.11 -18.79
CA TYR A 92 5.30 6.61 -19.80
C TYR A 92 6.01 5.48 -20.55
N GLU A 93 6.56 4.55 -19.80
CA GLU A 93 7.46 3.52 -20.34
C GLU A 93 7.28 2.15 -19.69
N PHE A 94 7.77 1.15 -20.40
CA PHE A 94 7.75 -0.24 -19.94
C PHE A 94 9.06 -0.94 -20.30
N PHE A 95 9.64 -1.59 -19.31
CA PHE A 95 10.85 -2.39 -19.51
C PHE A 95 10.69 -3.75 -18.91
N GLU A 96 11.41 -4.70 -19.48
CA GLU A 96 11.40 -6.07 -18.98
C GLU A 96 12.79 -6.68 -19.09
N ASP A 97 13.25 -7.28 -18.01
CA ASP A 97 14.48 -8.09 -18.02
C ASP A 97 14.16 -9.52 -17.58
N LYS A 98 15.15 -10.23 -17.09
CA LYS A 98 14.97 -11.65 -16.74
C LYS A 98 14.11 -11.81 -15.49
N GLY A 99 14.34 -10.95 -14.51
CA GLY A 99 13.69 -11.07 -13.19
C GLY A 99 12.56 -10.12 -12.87
N TYR A 100 12.44 -9.05 -13.67
CA TYR A 100 11.52 -7.95 -13.34
C TYR A 100 10.80 -7.30 -14.52
N PHE A 101 9.63 -6.75 -14.21
CA PHE A 101 8.95 -5.79 -15.08
C PHE A 101 9.15 -4.42 -14.48
N TYR A 102 9.43 -3.45 -15.33
CA TYR A 102 9.60 -2.06 -14.86
C TYR A 102 8.52 -1.18 -15.48
N LEU A 103 7.65 -0.67 -14.62
CA LEU A 103 6.56 0.22 -15.05
C LEU A 103 6.84 1.65 -14.59
N VAL A 104 7.12 2.50 -15.57
CA VAL A 104 7.56 3.88 -15.34
C VAL A 104 6.42 4.86 -15.53
N GLY A 105 5.92 5.40 -14.43
CA GLY A 105 4.81 6.37 -14.46
C GLY A 105 5.12 7.73 -13.88
N GLU A 106 4.14 8.61 -14.00
CA GLU A 106 4.26 9.96 -13.46
C GLU A 106 4.23 9.87 -11.95
N VAL A 107 5.15 10.60 -11.31
CA VAL A 107 5.21 10.65 -9.84
C VAL A 107 4.30 11.73 -9.30
N TYR A 108 3.49 11.35 -8.31
CA TYR A 108 2.62 12.28 -7.59
C TYR A 108 3.07 12.44 -6.15
N THR A 109 2.94 13.65 -5.64
CA THR A 109 3.58 14.04 -4.38
C THR A 109 2.62 14.31 -3.22
N GLY A 110 1.33 14.30 -3.51
CA GLY A 110 0.29 14.68 -2.54
C GLY A 110 -0.15 13.60 -1.57
N GLY A 111 0.39 12.40 -1.76
CA GLY A 111 0.06 11.28 -0.88
C GLY A 111 -1.30 10.68 -1.12
N GLU A 112 -1.71 9.81 -0.21
CA GLU A 112 -2.98 9.12 -0.30
C GLU A 112 -4.12 10.01 0.16
N LEU A 113 -5.23 9.95 -0.57
CA LEU A 113 -6.44 10.74 -0.28
C LEU A 113 -6.85 10.75 1.21
N PHE A 114 -6.96 9.57 1.81
CA PHE A 114 -7.48 9.44 3.19
C PHE A 114 -6.55 10.09 4.22
N ASP A 115 -5.25 10.08 3.90
CA ASP A 115 -4.24 10.71 4.77
C ASP A 115 -4.39 12.23 4.75
N GLU A 116 -4.78 12.76 3.60
CA GLU A 116 -5.08 14.20 3.46
C GLU A 116 -6.38 14.56 4.19
N ILE A 117 -7.37 13.70 4.02
CA ILE A 117 -8.72 13.94 4.59
C ILE A 117 -8.73 13.99 6.12
N ILE A 118 -7.97 13.09 6.75
CA ILE A 118 -7.89 13.06 8.21
C ILE A 118 -7.26 14.32 8.80
N SER A 119 -6.44 15.00 7.99
CA SER A 119 -5.79 16.26 8.40
C SER A 119 -6.72 17.48 8.39
N ARG A 120 -7.88 17.35 7.77
CA ARG A 120 -8.82 18.48 7.67
C ARG A 120 -9.64 18.66 8.95
N LYS A 121 -10.04 19.91 9.20
CA LYS A 121 -10.86 20.25 10.35
C LYS A 121 -12.34 19.99 10.04
N ARG A 122 -12.72 20.28 8.80
CA ARG A 122 -14.09 19.99 8.33
C ARG A 122 -14.11 19.19 7.03
N PHE A 123 -15.26 18.55 6.79
CA PHE A 123 -15.48 17.71 5.61
C PHE A 123 -16.98 17.54 5.38
N SER A 124 -17.42 17.83 4.16
CA SER A 124 -18.86 17.83 3.82
C SER A 124 -19.17 16.99 2.59
N GLU A 125 -20.47 16.86 2.32
CA GLU A 125 -20.97 16.12 1.15
C GLU A 125 -20.49 16.77 -0.14
N VAL A 126 -20.19 18.07 -0.08
CA VAL A 126 -19.66 18.79 -1.25
C VAL A 126 -18.24 18.30 -1.55
N ASP A 127 -17.47 18.15 -0.48
CA ASP A 127 -16.08 17.66 -0.59
C ASP A 127 -16.09 16.21 -1.06
N ALA A 128 -16.99 15.43 -0.48
CA ALA A 128 -17.15 14.01 -0.83
C ALA A 128 -17.55 13.87 -2.31
N ALA A 129 -18.50 14.68 -2.72
CA ALA A 129 -19.02 14.66 -4.09
C ALA A 129 -17.94 15.02 -5.10
N ARG A 130 -17.12 16.01 -4.74
CA ARG A 130 -16.02 16.46 -5.62
C ARG A 130 -14.99 15.34 -5.79
N ILE A 131 -14.74 14.63 -4.69
CA ILE A 131 -13.82 13.49 -4.68
C ILE A 131 -14.34 12.37 -5.57
N ILE A 132 -15.60 12.01 -5.35
CA ILE A 132 -16.23 10.90 -6.06
C ILE A 132 -16.43 11.21 -7.55
N ARG A 133 -16.71 12.47 -7.89
CA ARG A 133 -16.83 12.85 -9.32
C ARG A 133 -15.52 12.53 -10.06
N GLN A 134 -14.41 12.90 -9.43
CA GLN A 134 -13.07 12.67 -10.00
C GLN A 134 -12.82 11.19 -10.20
N VAL A 135 -13.14 10.39 -9.19
CA VAL A 135 -12.96 8.95 -9.27
C VAL A 135 -13.84 8.37 -10.38
N LEU A 136 -15.11 8.75 -10.39
CA LEU A 136 -16.06 8.30 -11.41
C LEU A 136 -15.63 8.74 -12.82
N SER A 137 -15.03 9.91 -12.92
CA SER A 137 -14.57 10.42 -14.21
C SER A 137 -13.41 9.58 -14.80
N GLY A 138 -12.45 9.28 -13.95
CA GLY A 138 -11.34 8.39 -14.32
C GLY A 138 -11.80 6.98 -14.65
N ILE A 139 -12.66 6.44 -13.81
CA ILE A 139 -13.20 5.11 -14.04
C ILE A 139 -13.95 5.03 -15.37
N THR A 140 -14.82 6.01 -15.58
CA THR A 140 -15.60 6.13 -16.83
C THR A 140 -14.70 6.08 -18.06
N TYR A 141 -13.62 6.83 -18.00
CA TYR A 141 -12.65 6.89 -19.10
C TYR A 141 -11.99 5.54 -19.35
N MET A 142 -11.58 4.90 -18.28
CA MET A 142 -10.89 3.61 -18.40
C MET A 142 -11.83 2.53 -18.93
N HIS A 143 -13.08 2.56 -18.47
CA HIS A 143 -14.10 1.61 -18.92
C HIS A 143 -14.40 1.72 -20.41
N LYS A 144 -14.42 2.96 -20.90
CA LYS A 144 -14.57 3.22 -22.34
C LYS A 144 -13.47 2.54 -23.15
N ASN A 145 -12.31 2.41 -22.53
CA ASN A 145 -11.16 1.75 -23.13
C ASN A 145 -10.99 0.28 -22.70
N LYS A 146 -12.04 -0.26 -22.10
CA LYS A 146 -12.11 -1.67 -21.72
C LYS A 146 -11.00 -2.07 -20.75
N ILE A 147 -10.64 -1.15 -19.85
CA ILE A 147 -9.68 -1.44 -18.79
C ILE A 147 -10.41 -1.37 -17.45
N VAL A 148 -10.25 -2.43 -16.66
CA VAL A 148 -10.92 -2.58 -15.38
C VAL A 148 -9.87 -2.54 -14.27
N HIS A 149 -10.24 -1.99 -13.13
CA HIS A 149 -9.31 -1.96 -11.99
C HIS A 149 -9.45 -3.23 -11.19
N ARG A 150 -10.65 -3.46 -10.67
CA ARG A 150 -11.00 -4.62 -9.84
C ARG A 150 -10.60 -4.50 -8.36
N ASP A 151 -9.48 -3.84 -8.11
CA ASP A 151 -8.91 -3.73 -6.75
C ASP A 151 -8.92 -2.30 -6.26
N LEU A 152 -9.92 -1.55 -6.68
CA LEU A 152 -10.05 -0.15 -6.30
C LEU A 152 -10.28 -0.03 -4.80
N LYS A 153 -9.49 0.84 -4.18
CA LYS A 153 -9.57 1.12 -2.75
C LYS A 153 -8.90 2.47 -2.44
N PRO A 154 -9.08 3.02 -1.24
CA PRO A 154 -8.58 4.36 -0.92
C PRO A 154 -7.10 4.60 -1.22
N GLU A 155 -6.26 3.60 -0.97
CA GLU A 155 -4.80 3.74 -1.19
C GLU A 155 -4.41 3.78 -2.67
N ASN A 156 -5.36 3.42 -3.54
CA ASN A 156 -5.18 3.60 -5.00
C ASN A 156 -5.56 4.99 -5.50
N LEU A 157 -5.99 5.84 -4.56
CA LEU A 157 -6.34 7.24 -4.85
C LEU A 157 -5.28 8.17 -4.30
N LEU A 158 -4.35 8.56 -5.16
CA LEU A 158 -3.30 9.52 -4.79
C LEU A 158 -3.70 10.95 -5.14
N LEU A 159 -3.12 11.92 -4.43
CA LEU A 159 -3.31 13.33 -4.79
C LEU A 159 -2.11 13.81 -5.60
N GLU A 160 -2.40 14.56 -6.66
CA GLU A 160 -1.40 14.96 -7.65
C GLU A 160 -0.23 15.73 -7.02
N SER A 161 -0.59 16.69 -6.16
CA SER A 161 0.37 17.53 -5.46
C SER A 161 -0.06 17.75 -4.01
N LYS A 162 0.76 18.49 -3.28
CA LYS A 162 0.46 18.83 -1.88
C LYS A 162 -0.49 20.03 -1.76
N SER A 163 -0.96 20.53 -2.91
CA SER A 163 -1.96 21.62 -2.93
C SER A 163 -3.30 21.09 -2.47
N LYS A 164 -3.98 21.86 -1.64
CA LYS A 164 -5.23 21.41 -0.99
C LYS A 164 -6.34 21.05 -1.96
N ASP A 165 -6.32 21.66 -3.14
CA ASP A 165 -7.35 21.40 -4.17
C ASP A 165 -6.95 20.31 -5.18
N ALA A 166 -5.80 19.68 -4.96
CA ALA A 166 -5.16 18.83 -5.97
C ALA A 166 -6.07 17.73 -6.53
N ASN A 167 -5.86 17.43 -7.80
CA ASN A 167 -6.60 16.35 -8.45
C ASN A 167 -6.21 14.98 -7.90
N ILE A 168 -7.19 14.08 -7.93
CA ILE A 168 -6.99 12.69 -7.55
C ILE A 168 -6.46 11.96 -8.78
N ARG A 169 -5.44 11.13 -8.54
CA ARG A 169 -4.90 10.25 -9.58
C ARG A 169 -5.07 8.81 -9.13
N ILE A 170 -5.82 8.05 -9.89
CA ILE A 170 -6.04 6.63 -9.59
C ILE A 170 -4.85 5.81 -10.07
N ILE A 171 -4.31 4.98 -9.18
CA ILE A 171 -3.22 4.05 -9.53
C ILE A 171 -3.68 2.60 -9.67
N ASP A 172 -2.91 1.86 -10.47
CA ASP A 172 -3.01 0.40 -10.62
C ASP A 172 -4.13 -0.10 -11.55
N PHE A 173 -4.69 0.78 -12.37
CA PHE A 173 -5.66 0.33 -13.39
C PHE A 173 -5.01 -0.70 -14.30
N GLY A 174 -5.73 -1.78 -14.54
CA GLY A 174 -5.33 -2.79 -15.53
C GLY A 174 -4.41 -3.89 -15.03
N LEU A 175 -3.78 -3.69 -13.88
CA LEU A 175 -2.75 -4.62 -13.42
C LEU A 175 -3.31 -5.99 -13.03
N SER A 176 -4.43 -6.01 -12.32
CA SER A 176 -5.02 -7.26 -11.80
C SER A 176 -5.50 -8.20 -12.91
N THR A 177 -5.73 -7.64 -14.10
CA THR A 177 -6.04 -8.46 -15.28
C THR A 177 -4.82 -9.30 -15.69
N HIS A 178 -3.63 -8.79 -15.48
CA HIS A 178 -2.40 -9.42 -15.99
C HIS A 178 -1.53 -10.09 -14.94
N PHE A 179 -1.72 -9.73 -13.68
CA PHE A 179 -0.93 -10.29 -12.59
C PHE A 179 -1.80 -10.84 -11.48
N GLU A 180 -1.36 -11.95 -10.90
CA GLU A 180 -2.05 -12.55 -9.77
C GLU A 180 -1.68 -11.82 -8.49
N ALA A 181 -2.69 -11.50 -7.72
CA ALA A 181 -2.51 -10.79 -6.45
C ALA A 181 -1.84 -11.70 -5.42
N SER A 182 -1.08 -11.09 -4.52
CA SER A 182 -0.41 -11.83 -3.45
C SER A 182 -1.44 -12.37 -2.48
N LYS A 183 -1.13 -13.54 -1.93
CA LYS A 183 -1.97 -14.18 -0.90
C LYS A 183 -1.42 -13.91 0.50
N LYS A 184 -0.30 -13.17 0.55
CA LYS A 184 0.30 -12.74 1.83
C LYS A 184 -0.50 -11.60 2.44
N MET A 185 -0.81 -11.72 3.72
CA MET A 185 -1.67 -10.73 4.40
C MET A 185 -1.09 -9.32 4.40
N LYS A 186 0.24 -9.21 4.38
CA LYS A 186 0.89 -7.89 4.36
C LYS A 186 0.54 -7.13 3.09
N ASP A 187 0.33 -7.89 2.01
CA ASP A 187 -0.10 -7.33 0.72
C ASP A 187 -1.61 -7.15 0.61
N LYS A 188 -2.36 -7.90 1.42
CA LYS A 188 -3.82 -7.95 1.32
C LYS A 188 -4.60 -6.97 2.21
N ILE A 189 -3.88 -6.14 2.97
CA ILE A 189 -4.54 -5.30 4.00
C ILE A 189 -5.54 -4.33 3.41
N GLY A 190 -6.77 -4.46 3.89
CA GLY A 190 -7.84 -3.55 3.50
C GLY A 190 -8.56 -3.95 2.24
N THR A 191 -8.09 -5.00 1.58
CA THR A 191 -8.69 -5.43 0.31
C THR A 191 -10.16 -5.85 0.46
N ALA A 192 -10.46 -6.54 1.57
CA ALA A 192 -11.74 -7.21 1.75
C ALA A 192 -12.95 -6.26 1.73
N TYR A 193 -12.76 -5.08 2.28
CA TYR A 193 -13.86 -4.11 2.41
C TYR A 193 -14.43 -3.68 1.06
N TYR A 194 -13.56 -3.64 0.04
CA TYR A 194 -13.85 -2.94 -1.23
C TYR A 194 -14.17 -3.83 -2.42
N ILE A 195 -13.85 -5.11 -2.30
CA ILE A 195 -13.97 -6.05 -3.42
C ILE A 195 -15.44 -6.34 -3.69
N ALA A 196 -15.80 -6.36 -4.98
CA ALA A 196 -17.18 -6.65 -5.41
C ALA A 196 -17.50 -8.14 -5.24
N PRO A 197 -18.73 -8.47 -4.85
CA PRO A 197 -19.12 -9.86 -4.61
C PRO A 197 -18.85 -10.78 -5.80
N GLU A 198 -19.06 -10.25 -7.00
CA GLU A 198 -18.92 -11.02 -8.24
C GLU A 198 -17.47 -11.34 -8.55
N VAL A 199 -16.57 -10.51 -8.07
CA VAL A 199 -15.14 -10.80 -8.17
C VAL A 199 -14.80 -12.05 -7.35
N LEU A 200 -15.41 -12.18 -6.17
CA LEU A 200 -15.20 -13.35 -5.32
C LEU A 200 -15.63 -14.64 -6.00
N HIS A 201 -16.72 -14.58 -6.76
CA HIS A 201 -17.31 -15.78 -7.37
C HIS A 201 -16.81 -16.10 -8.78
N GLY A 202 -16.07 -15.16 -9.38
CA GLY A 202 -15.33 -15.42 -10.63
C GLY A 202 -15.84 -14.75 -11.91
N THR A 203 -17.14 -14.43 -11.97
CA THR A 203 -17.70 -13.77 -13.14
C THR A 203 -17.85 -12.29 -12.84
N TYR A 204 -16.98 -11.49 -13.44
CA TYR A 204 -17.01 -10.06 -13.21
C TYR A 204 -16.65 -9.26 -14.46
N ASP A 205 -17.07 -8.02 -14.43
CA ASP A 205 -16.84 -7.05 -15.51
C ASP A 205 -16.58 -5.68 -14.89
N GLU A 206 -16.58 -4.65 -15.73
CA GLU A 206 -16.23 -3.29 -15.30
C GLU A 206 -17.09 -2.76 -14.16
N LYS A 207 -18.30 -3.29 -14.01
CA LYS A 207 -19.20 -2.86 -12.93
C LYS A 207 -18.62 -3.06 -11.53
N CYS A 208 -17.64 -3.94 -11.39
CA CYS A 208 -17.01 -4.19 -10.07
C CYS A 208 -16.36 -2.93 -9.50
N ASP A 209 -15.87 -2.08 -10.39
CA ASP A 209 -15.27 -0.79 -10.02
C ASP A 209 -16.27 0.22 -9.44
N VAL A 210 -17.50 0.15 -9.91
CA VAL A 210 -18.59 0.99 -9.36
C VAL A 210 -18.94 0.54 -7.94
N TRP A 211 -18.96 -0.77 -7.73
CA TRP A 211 -19.19 -1.31 -6.39
C TRP A 211 -18.15 -0.75 -5.41
N SER A 212 -16.88 -0.96 -5.76
CA SER A 212 -15.76 -0.50 -4.94
C SER A 212 -15.83 1.00 -4.62
N THR A 213 -16.19 1.78 -5.64
CA THR A 213 -16.38 3.24 -5.49
C THR A 213 -17.54 3.55 -4.55
N GLY A 214 -18.60 2.76 -4.68
CA GLY A 214 -19.72 2.79 -3.74
C GLY A 214 -19.30 2.57 -2.29
N VAL A 215 -18.42 1.60 -2.06
CA VAL A 215 -17.90 1.32 -0.70
C VAL A 215 -17.11 2.52 -0.17
N ILE A 216 -16.28 3.08 -1.03
CA ILE A 216 -15.45 4.24 -0.70
C ILE A 216 -16.32 5.44 -0.29
N LEU A 217 -17.35 5.73 -1.11
CA LEU A 217 -18.32 6.82 -0.81
C LEU A 217 -18.97 6.61 0.55
N TYR A 218 -19.40 5.38 0.81
CA TYR A 218 -20.03 5.02 2.09
C TYR A 218 -19.11 5.35 3.26
N ILE A 219 -17.83 5.05 3.07
CA ILE A 219 -16.81 5.34 4.08
C ILE A 219 -16.59 6.86 4.19
N LEU A 220 -16.59 7.55 3.05
CA LEU A 220 -16.39 9.01 3.05
C LEU A 220 -17.46 9.73 3.87
N LEU A 221 -18.69 9.21 3.82
CA LEU A 221 -19.86 9.88 4.42
C LEU A 221 -20.20 9.43 5.85
N SER A 222 -19.69 8.27 6.26
CA SER A 222 -19.95 7.72 7.62
C SER A 222 -18.69 7.42 8.42
N GLY A 223 -17.57 7.27 7.73
CA GLY A 223 -16.32 6.85 8.36
C GLY A 223 -16.21 5.36 8.68
N CYS A 224 -17.24 4.60 8.34
CA CYS A 224 -17.27 3.15 8.60
C CYS A 224 -17.47 2.35 7.31
N PRO A 225 -16.85 1.17 7.21
CA PRO A 225 -17.08 0.32 6.05
C PRO A 225 -18.48 -0.26 6.07
N PRO A 226 -19.17 -0.28 4.93
CA PRO A 226 -20.50 -0.85 4.89
C PRO A 226 -20.49 -2.34 5.23
N PHE A 227 -19.43 -3.03 4.80
CA PHE A 227 -19.25 -4.46 5.09
C PHE A 227 -18.04 -4.63 5.98
N ASN A 228 -18.32 -4.86 7.26
CA ASN A 228 -17.28 -4.91 8.28
C ASN A 228 -17.26 -6.25 8.99
N GLY A 229 -16.16 -6.51 9.68
CA GLY A 229 -15.95 -7.77 10.38
C GLY A 229 -14.64 -7.83 11.14
N ALA A 230 -14.54 -8.83 12.00
CA ALA A 230 -13.40 -9.01 12.91
C ALA A 230 -12.13 -9.50 12.21
N ASN A 231 -12.30 -10.00 10.99
CA ASN A 231 -11.18 -10.50 10.20
C ASN A 231 -11.56 -10.61 8.74
N GLU A 232 -10.60 -10.98 7.90
CA GLU A 232 -10.82 -11.01 6.46
C GLU A 232 -12.04 -11.85 6.08
N TYR A 233 -12.12 -13.06 6.60
CA TYR A 233 -13.20 -13.96 6.20
C TYR A 233 -14.58 -13.47 6.60
N ASP A 234 -14.68 -12.89 7.80
CA ASP A 234 -15.95 -12.31 8.27
C ASP A 234 -16.37 -11.14 7.36
N ILE A 235 -15.39 -10.36 6.91
CA ILE A 235 -15.67 -9.22 6.04
C ILE A 235 -16.21 -9.76 4.70
N LEU A 236 -15.47 -10.71 4.14
CA LEU A 236 -15.84 -11.33 2.85
C LEU A 236 -17.21 -11.97 2.91
N LYS A 237 -17.53 -12.59 4.03
CA LYS A 237 -18.85 -13.20 4.24
C LYS A 237 -19.95 -12.13 4.12
N LYS A 238 -19.70 -10.98 4.73
CA LYS A 238 -20.64 -9.84 4.69
C LYS A 238 -20.80 -9.31 3.27
N VAL A 239 -19.67 -9.17 2.57
CA VAL A 239 -19.66 -8.67 1.20
C VAL A 239 -20.47 -9.59 0.30
N GLU A 240 -20.22 -10.89 0.46
CA GLU A 240 -20.84 -11.89 -0.39
C GLU A 240 -22.36 -11.97 -0.20
N LYS A 241 -22.82 -11.78 1.04
CA LYS A 241 -24.25 -11.59 1.30
C LYS A 241 -24.76 -10.28 0.70
N GLY A 242 -23.89 -9.27 0.72
CA GLY A 242 -24.16 -8.01 0.05
C GLY A 242 -25.13 -7.07 0.76
N LYS A 243 -25.45 -7.36 2.02
CA LYS A 243 -26.40 -6.55 2.78
C LYS A 243 -25.70 -5.53 3.68
N TYR A 244 -26.23 -4.32 3.67
CA TYR A 244 -25.71 -3.19 4.44
C TYR A 244 -26.88 -2.32 4.85
N THR A 245 -26.63 -1.40 5.78
CA THR A 245 -27.66 -0.48 6.25
C THR A 245 -27.14 0.94 6.46
N PHE A 246 -28.10 1.86 6.58
CA PHE A 246 -27.83 3.27 6.85
C PHE A 246 -28.39 3.64 8.23
N GLU A 247 -28.27 2.72 9.19
CA GLU A 247 -28.91 2.90 10.51
C GLU A 247 -27.99 3.50 11.57
N LEU A 248 -26.75 3.81 11.21
CA LEU A 248 -25.82 4.48 12.13
C LEU A 248 -26.25 5.94 12.38
N PRO A 249 -25.83 6.52 13.51
CA PRO A 249 -26.18 7.92 13.82
C PRO A 249 -25.68 8.92 12.78
N GLN A 250 -24.54 8.60 12.18
CA GLN A 250 -23.89 9.50 11.22
C GLN A 250 -24.72 9.72 9.97
N TRP A 251 -25.57 8.75 9.64
CA TRP A 251 -26.36 8.77 8.39
C TRP A 251 -27.55 9.73 8.43
N LYS A 252 -27.86 10.25 9.61
CA LYS A 252 -28.92 11.25 9.78
C LYS A 252 -28.51 12.58 9.15
N LYS A 253 -27.21 12.87 9.21
CA LYS A 253 -26.63 14.08 8.62
C LYS A 253 -26.61 14.06 7.08
N VAL A 254 -26.84 12.89 6.50
CA VAL A 254 -26.64 12.68 5.06
C VAL A 254 -27.91 12.79 4.23
N SER A 255 -27.77 13.39 3.05
CA SER A 255 -28.88 13.56 2.12
C SER A 255 -29.38 12.23 1.58
N GLU A 256 -30.63 12.27 1.15
CA GLU A 256 -31.29 11.10 0.57
C GLU A 256 -30.67 10.73 -0.78
N SER A 257 -30.23 11.75 -1.51
CA SER A 257 -29.66 11.53 -2.85
C SER A 257 -28.34 10.76 -2.77
N ALA A 258 -27.53 11.08 -1.77
CA ALA A 258 -26.23 10.41 -1.56
C ALA A 258 -26.44 8.94 -1.25
N LYS A 259 -27.44 8.66 -0.42
CA LYS A 259 -27.77 7.28 -0.03
C LYS A 259 -28.38 6.52 -1.22
N ASP A 260 -29.10 7.25 -2.06
CA ASP A 260 -29.68 6.68 -3.27
C ASP A 260 -28.59 6.29 -4.27
N LEU A 261 -27.59 7.15 -4.39
CA LEU A 261 -26.46 6.85 -5.27
C LEU A 261 -25.73 5.61 -4.75
N ILE A 262 -25.43 5.62 -3.46
CA ILE A 262 -24.71 4.51 -2.84
C ILE A 262 -25.48 3.21 -3.06
N ARG A 263 -26.81 3.26 -2.92
CA ARG A 263 -27.68 2.09 -3.14
C ARG A 263 -27.50 1.54 -4.55
N LYS A 264 -27.49 2.45 -5.52
CA LYS A 264 -27.37 2.08 -6.93
C LYS A 264 -25.98 1.50 -7.26
N MET A 265 -24.96 2.00 -6.59
CA MET A 265 -23.58 1.54 -6.77
C MET A 265 -23.33 0.20 -6.07
N LEU A 266 -24.00 0.03 -4.94
CA LEU A 266 -23.93 -1.21 -4.14
C LEU A 266 -25.08 -2.15 -4.45
N THR A 267 -25.59 -2.08 -5.66
CA THR A 267 -26.59 -3.03 -6.13
C THR A 267 -25.89 -4.35 -6.46
N TYR A 268 -26.48 -5.45 -5.99
CA TYR A 268 -25.80 -6.73 -6.00
C TYR A 268 -25.54 -7.30 -7.40
N VAL A 269 -26.60 -7.44 -8.19
CA VAL A 269 -26.50 -7.95 -9.55
C VAL A 269 -25.89 -6.87 -10.45
N PRO A 270 -24.73 -7.11 -11.04
CA PRO A 270 -23.99 -6.05 -11.75
C PRO A 270 -24.74 -5.42 -12.90
N SER A 271 -25.54 -6.24 -13.60
CA SER A 271 -26.35 -5.72 -14.71
C SER A 271 -27.41 -4.71 -14.25
N MET A 272 -27.77 -4.78 -12.97
CA MET A 272 -28.74 -3.82 -12.36
C MET A 272 -28.01 -2.64 -11.71
N ARG A 273 -26.72 -2.81 -11.49
CA ARG A 273 -25.88 -1.77 -10.90
C ARG A 273 -25.64 -0.62 -11.87
N ILE A 274 -25.63 0.59 -11.31
CA ILE A 274 -25.38 1.81 -12.08
C ILE A 274 -23.98 1.76 -12.69
N SER A 275 -23.87 2.24 -13.92
CA SER A 275 -22.57 2.41 -14.56
C SER A 275 -21.85 3.64 -14.00
N ALA A 276 -20.56 3.71 -14.27
CA ALA A 276 -19.75 4.83 -13.84
C ALA A 276 -20.26 6.11 -14.51
N ARG A 277 -20.54 6.01 -15.81
CA ARG A 277 -20.95 7.17 -16.60
C ARG A 277 -22.30 7.70 -16.13
N ASP A 278 -23.23 6.78 -15.90
CA ASP A 278 -24.55 7.14 -15.41
C ASP A 278 -24.47 7.75 -14.01
N ALA A 279 -23.54 7.26 -13.20
CA ALA A 279 -23.32 7.79 -11.85
C ALA A 279 -22.91 9.27 -11.87
N LEU A 280 -22.11 9.65 -12.86
CA LEU A 280 -21.70 11.06 -13.02
C LEU A 280 -22.90 11.98 -13.25
N ASP A 281 -23.97 11.43 -13.80
CA ASP A 281 -25.21 12.19 -14.04
C ASP A 281 -26.20 12.12 -12.88
N HIS A 282 -25.80 11.48 -11.79
CA HIS A 282 -26.68 11.31 -10.63
C HIS A 282 -26.94 12.63 -9.94
N GLU A 283 -28.18 12.79 -9.48
CA GLU A 283 -28.62 13.99 -8.77
C GLU A 283 -27.64 14.47 -7.71
N TRP A 284 -27.13 13.54 -6.91
CA TRP A 284 -26.16 13.86 -5.84
C TRP A 284 -24.91 14.51 -6.39
N ILE A 285 -24.37 13.91 -7.44
CA ILE A 285 -23.13 14.42 -8.06
C ILE A 285 -23.40 15.80 -8.66
N GLN A 286 -24.49 15.88 -9.41
CA GLN A 286 -24.87 17.12 -10.12
C GLN A 286 -25.13 18.26 -9.14
N THR A 287 -25.77 17.93 -8.02
CA THR A 287 -26.13 18.93 -7.01
C THR A 287 -24.94 19.42 -6.21
N TYR A 288 -24.12 18.50 -5.71
CA TYR A 288 -23.09 18.85 -4.72
C TYR A 288 -21.72 19.19 -5.30
N THR A 289 -21.56 19.06 -6.60
CA THR A 289 -20.29 19.45 -7.25
C THR A 289 -20.36 20.79 -7.98
N LYS A 290 -21.48 21.50 -7.86
CA LYS A 290 -21.59 22.86 -8.43
C LYS A 290 -20.89 23.87 -7.54
N ASP A 296 -26.76 25.19 1.42
CA ASP A 296 -25.58 25.13 2.28
C ASP A 296 -25.54 23.81 3.05
N VAL A 297 -24.32 23.37 3.34
CA VAL A 297 -24.09 22.01 3.88
C VAL A 297 -23.25 22.01 5.16
N PRO A 298 -23.62 21.20 6.14
CA PRO A 298 -22.85 21.10 7.37
C PRO A 298 -21.62 20.21 7.21
N SER A 299 -20.72 20.32 8.18
CA SER A 299 -19.53 19.45 8.22
C SER A 299 -19.89 18.11 8.85
N LEU A 300 -19.42 17.04 8.22
CA LEU A 300 -19.60 15.68 8.72
C LEU A 300 -18.48 15.35 9.73
N ASP A 301 -18.64 15.85 10.95
CA ASP A 301 -17.61 15.75 11.99
C ASP A 301 -17.44 14.33 12.54
N ASN A 302 -18.56 13.62 12.69
CA ASN A 302 -18.57 12.23 13.16
C ASN A 302 -17.86 11.32 12.15
N ALA A 303 -18.08 11.61 10.87
CA ALA A 303 -17.45 10.89 9.77
C ALA A 303 -15.93 11.07 9.79
N ILE A 304 -15.50 12.32 9.93
CA ILE A 304 -14.06 12.67 9.98
C ILE A 304 -13.35 11.92 11.11
N LEU A 305 -14.02 11.86 12.26
CA LEU A 305 -13.48 11.18 13.44
C LEU A 305 -13.37 9.68 13.20
N ASN A 306 -14.40 9.12 12.59
CA ASN A 306 -14.44 7.69 12.29
C ASN A 306 -13.37 7.30 11.26
N ILE A 307 -13.18 8.18 10.27
CA ILE A 307 -12.18 7.99 9.20
C ILE A 307 -10.76 8.01 9.78
N ARG A 308 -10.52 8.97 10.67
CA ARG A 308 -9.26 9.06 11.41
C ARG A 308 -8.93 7.74 12.08
N GLN A 309 -9.90 7.22 12.82
CA GLN A 309 -9.77 5.93 13.51
C GLN A 309 -9.60 4.77 12.55
N PHE A 310 -10.39 4.76 11.48
CA PHE A 310 -10.29 3.74 10.44
C PHE A 310 -8.88 3.72 9.88
N GLN A 311 -8.44 4.88 9.41
CA GLN A 311 -7.14 5.03 8.75
C GLN A 311 -5.99 4.62 9.66
N GLY A 312 -6.01 5.13 10.88
CA GLY A 312 -4.99 4.84 11.89
C GLY A 312 -4.86 3.34 12.16
N THR A 313 -6.01 2.70 12.31
CA THR A 313 -6.08 1.24 12.52
C THR A 313 -5.49 0.48 11.33
N GLN A 314 -5.89 0.88 10.13
CA GLN A 314 -5.45 0.20 8.91
C GLN A 314 -3.94 0.31 8.78
N LYS A 315 -3.44 1.53 9.01
CA LYS A 315 -2.02 1.84 8.83
C LYS A 315 -1.14 1.17 9.89
N LEU A 316 -1.67 1.05 11.11
CA LEU A 316 -0.95 0.35 12.18
C LEU A 316 -0.86 -1.15 11.90
N ALA A 317 -1.98 -1.75 11.49
CA ALA A 317 -2.00 -3.16 11.08
C ALA A 317 -0.98 -3.43 9.97
N GLN A 318 -0.98 -2.57 8.96
CA GLN A 318 -0.03 -2.67 7.84
C GLN A 318 1.40 -2.62 8.33
N ALA A 319 1.68 -1.60 9.14
CA ALA A 319 3.00 -1.37 9.70
C ALA A 319 3.45 -2.55 10.54
N ALA A 320 2.50 -3.14 11.28
CA ALA A 320 2.77 -4.32 12.09
C ALA A 320 3.25 -5.50 11.23
N LEU A 321 2.54 -5.76 10.15
CA LEU A 321 2.90 -6.87 9.24
C LEU A 321 4.24 -6.61 8.53
N LEU A 322 4.44 -5.37 8.09
CA LEU A 322 5.69 -5.00 7.40
C LEU A 322 6.90 -5.11 8.33
N TYR A 323 6.70 -4.73 9.58
CA TYR A 323 7.74 -4.85 10.59
C TYR A 323 8.15 -6.31 10.77
N MET A 324 7.16 -7.17 10.93
CA MET A 324 7.42 -8.60 11.11
C MET A 324 8.11 -9.18 9.88
N GLY A 325 7.65 -8.77 8.70
CA GLY A 325 8.22 -9.19 7.41
C GLY A 325 9.66 -8.73 7.24
N SER A 326 9.90 -7.47 7.55
CA SER A 326 11.26 -6.91 7.48
C SER A 326 12.21 -7.63 8.45
N LYS A 327 11.70 -7.99 9.62
CA LYS A 327 12.49 -8.72 10.60
C LYS A 327 12.86 -10.12 10.07
N LEU A 328 11.89 -10.80 9.46
CA LEU A 328 12.16 -12.12 8.87
C LEU A 328 13.18 -12.01 7.72
N THR A 329 12.97 -11.01 6.86
CA THR A 329 13.89 -10.71 5.74
C THR A 329 15.30 -10.45 6.24
N SER A 330 15.39 -9.68 7.32
CA SER A 330 16.68 -9.42 7.99
C SER A 330 17.37 -10.70 8.46
N GLN A 331 16.61 -11.62 9.04
CA GLN A 331 17.15 -12.90 9.51
C GLN A 331 17.72 -13.68 8.34
N ASP A 332 16.94 -13.75 7.25
CA ASP A 332 17.35 -14.41 6.02
C ASP A 332 18.64 -13.80 5.48
N GLU A 333 18.61 -12.50 5.25
CA GLU A 333 19.71 -11.78 4.57
C GLU A 333 21.01 -11.69 5.39
N THR A 334 20.88 -11.59 6.71
CA THR A 334 22.03 -11.54 7.61
C THR A 334 22.87 -12.80 7.50
N LYS A 335 22.18 -13.94 7.53
CA LYS A 335 22.86 -15.23 7.46
C LYS A 335 23.37 -15.50 6.06
N GLU A 336 22.65 -15.01 5.04
CA GLU A 336 23.07 -15.22 3.64
C GLU A 336 24.34 -14.43 3.34
N LEU A 337 24.32 -13.18 3.77
CA LEU A 337 25.44 -12.26 3.54
C LEU A 337 26.71 -12.77 4.24
N THR A 338 26.54 -13.17 5.49
CA THR A 338 27.63 -13.79 6.27
C THR A 338 28.24 -15.00 5.56
N ALA A 339 27.38 -15.84 5.00
CA ALA A 339 27.82 -17.05 4.29
C ALA A 339 28.52 -16.70 2.98
N ILE A 340 28.05 -15.66 2.31
CA ILE A 340 28.66 -15.20 1.05
C ILE A 340 30.08 -14.69 1.29
N PHE A 341 30.25 -13.89 2.34
CA PHE A 341 31.56 -13.32 2.68
C PHE A 341 32.55 -14.34 3.22
N HIS A 342 32.05 -15.33 3.95
CA HIS A 342 32.88 -16.45 4.43
C HIS A 342 33.51 -17.23 3.29
N LYS A 343 32.69 -17.53 2.29
CA LYS A 343 33.15 -18.22 1.06
C LYS A 343 34.20 -17.37 0.34
N MET A 344 33.92 -16.09 0.25
CA MET A 344 34.82 -15.11 -0.40
C MET A 344 36.16 -15.00 0.33
N ASP A 345 36.09 -15.06 1.65
CA ASP A 345 37.27 -14.92 2.52
C ASP A 345 38.13 -16.19 2.44
N LYS A 346 38.95 -16.23 1.40
CA LYS A 346 39.72 -17.44 1.03
C LYS A 346 40.62 -17.92 2.16
N ASN A 347 41.41 -17.00 2.72
CA ASN A 347 42.33 -17.37 3.82
C ASN A 347 41.72 -17.19 5.21
N GLY A 348 40.42 -16.91 5.24
CA GLY A 348 39.62 -17.01 6.47
C GLY A 348 40.00 -16.16 7.66
N ASP A 349 40.56 -14.98 7.42
CA ASP A 349 40.89 -14.05 8.52
C ASP A 349 39.84 -12.96 8.77
N GLY A 350 38.71 -13.04 8.06
CA GLY A 350 37.58 -12.11 8.23
C GLY A 350 37.74 -10.70 7.68
N GLN A 351 38.70 -10.53 6.79
CA GLN A 351 39.04 -9.21 6.21
C GLN A 351 38.66 -9.17 4.71
N LEU A 352 37.84 -8.21 4.30
CA LEU A 352 37.55 -8.07 2.88
C LEU A 352 37.67 -6.62 2.48
N ASP A 353 38.01 -6.36 1.23
CA ASP A 353 38.04 -4.97 0.74
C ASP A 353 36.67 -4.55 0.24
N ARG A 354 36.55 -3.25 -0.04
CA ARG A 354 35.28 -2.65 -0.43
C ARG A 354 34.72 -3.24 -1.72
N ALA A 355 35.60 -3.49 -2.69
CA ALA A 355 35.19 -4.09 -3.97
C ALA A 355 34.59 -5.47 -3.75
N GLU A 356 35.16 -6.21 -2.79
CA GLU A 356 34.69 -7.55 -2.43
C GLU A 356 33.36 -7.47 -1.70
N LEU A 357 33.24 -6.49 -0.82
CA LEU A 357 32.00 -6.24 -0.07
C LEU A 357 30.86 -5.92 -1.04
N ILE A 358 31.20 -5.18 -2.09
CA ILE A 358 30.26 -4.82 -3.15
C ILE A 358 29.84 -6.05 -3.97
N GLU A 359 30.83 -6.87 -4.32
CA GLU A 359 30.58 -8.10 -5.10
C GLU A 359 29.69 -9.09 -4.35
N GLY A 360 29.89 -9.14 -3.03
CA GLY A 360 29.11 -10.02 -2.15
C GLY A 360 27.71 -9.49 -1.88
N TYR A 361 27.60 -8.18 -1.75
CA TYR A 361 26.30 -7.51 -1.62
C TYR A 361 25.52 -7.69 -2.91
N LYS A 362 26.23 -7.61 -4.02
CA LYS A 362 25.67 -7.91 -5.36
C LYS A 362 25.21 -9.36 -5.42
N GLU A 363 26.05 -10.24 -4.88
CA GLU A 363 25.77 -11.69 -4.80
C GLU A 363 24.47 -11.95 -4.06
N LEU A 364 24.28 -11.21 -2.97
CA LEU A 364 23.04 -11.29 -2.16
C LEU A 364 21.84 -10.81 -2.96
N MET A 365 22.04 -9.70 -3.68
CA MET A 365 21.00 -9.14 -4.56
C MET A 365 20.71 -10.06 -5.76
N ARG A 366 21.75 -10.77 -6.19
CA ARG A 366 21.65 -11.73 -7.31
C ARG A 366 20.81 -12.90 -6.88
N MET A 367 21.01 -13.28 -5.63
CA MET A 367 20.38 -14.44 -5.04
C MET A 367 20.97 -15.70 -5.67
N SER A 373 15.14 -1.54 -5.48
CA SER A 373 15.94 -0.60 -4.70
C SER A 373 17.38 -0.55 -5.21
N MET A 374 18.04 -1.70 -5.17
CA MET A 374 19.41 -1.84 -5.65
C MET A 374 19.37 -2.29 -7.11
N LEU A 375 18.99 -1.36 -7.97
CA LEU A 375 18.67 -1.67 -9.39
C LEU A 375 19.89 -2.02 -10.22
N ASP A 376 21.05 -1.52 -9.81
CA ASP A 376 22.31 -1.76 -10.53
C ASP A 376 23.54 -1.69 -9.62
N ALA A 377 24.72 -1.75 -10.25
CA ALA A 377 26.00 -1.79 -9.52
C ALA A 377 26.28 -0.52 -8.72
N SER A 378 25.96 0.64 -9.31
CA SER A 378 26.25 1.95 -8.69
C SER A 378 25.42 2.17 -7.43
N ALA A 379 24.21 1.61 -7.43
CA ALA A 379 23.31 1.64 -6.27
C ALA A 379 23.89 0.84 -5.11
N VAL A 380 24.56 -0.25 -5.45
CA VAL A 380 25.15 -1.14 -4.44
C VAL A 380 26.43 -0.50 -3.88
N GLU A 381 27.19 0.13 -4.77
CA GLU A 381 28.42 0.86 -4.37
C GLU A 381 28.08 1.92 -3.32
N HIS A 382 27.04 2.70 -3.60
CA HIS A 382 26.61 3.78 -2.72
C HIS A 382 26.15 3.25 -1.38
N GLU A 383 25.31 2.22 -1.43
CA GLU A 383 24.77 1.61 -0.20
C GLU A 383 25.90 1.09 0.69
N VAL A 384 26.86 0.39 0.06
CA VAL A 384 28.05 -0.11 0.75
C VAL A 384 28.81 1.05 1.40
N ASP A 385 28.99 2.13 0.64
CA ASP A 385 29.71 3.32 1.10
C ASP A 385 29.01 3.98 2.28
N GLN A 386 27.67 3.95 2.26
CA GLN A 386 26.85 4.52 3.35
C GLN A 386 27.03 3.70 4.64
N VAL A 387 27.14 2.39 4.49
CA VAL A 387 27.34 1.50 5.64
C VAL A 387 28.73 1.71 6.24
N LEU A 388 29.72 1.78 5.36
CA LEU A 388 31.11 1.98 5.77
C LEU A 388 31.25 3.31 6.52
N ASP A 389 30.58 4.33 6.01
CA ASP A 389 30.65 5.68 6.58
C ASP A 389 29.91 5.79 7.91
N ALA A 390 28.99 4.86 8.14
CA ALA A 390 28.29 4.77 9.42
C ALA A 390 29.20 4.16 10.48
N VAL A 391 29.86 3.07 10.11
CA VAL A 391 30.72 2.30 11.02
C VAL A 391 32.13 2.92 11.19
N ASP A 392 32.36 4.02 10.49
CA ASP A 392 33.63 4.74 10.53
C ASP A 392 34.80 3.84 10.13
N PHE A 393 34.51 2.89 9.24
CA PHE A 393 35.51 1.98 8.72
C PHE A 393 36.14 2.68 7.50
N ASP A 394 37.44 2.55 7.31
CA ASP A 394 38.05 3.19 6.14
C ASP A 394 37.64 2.46 4.88
N LYS A 395 37.15 3.24 3.92
CA LYS A 395 36.70 2.75 2.62
C LYS A 395 37.84 2.11 1.81
N ASN A 396 39.06 2.57 2.04
CA ASN A 396 40.16 2.27 1.11
C ASN A 396 41.06 1.11 1.53
N GLY A 397 40.93 0.68 2.78
CA GLY A 397 41.64 -0.49 3.28
C GLY A 397 40.76 -1.73 3.27
N TYR A 398 41.29 -2.81 3.85
CA TYR A 398 40.55 -4.04 4.03
C TYR A 398 39.70 -3.93 5.29
N ILE A 399 38.54 -4.58 5.27
CA ILE A 399 37.51 -4.40 6.28
C ILE A 399 37.07 -5.71 6.93
N GLU A 400 36.72 -5.62 8.21
CA GLU A 400 36.13 -6.73 8.96
C GLU A 400 34.67 -6.90 8.55
N TYR A 401 34.41 -7.91 7.72
CA TYR A 401 33.10 -8.06 7.07
C TYR A 401 31.95 -8.33 8.05
N SER A 402 32.25 -9.02 9.14
CA SER A 402 31.24 -9.36 10.16
C SER A 402 30.59 -8.11 10.76
N GLU A 403 31.38 -7.05 10.86
CA GLU A 403 30.89 -5.77 11.41
C GLU A 403 30.02 -5.05 10.39
N PHE A 404 30.50 -5.06 9.14
CA PHE A 404 29.76 -4.47 8.02
C PHE A 404 28.38 -5.10 7.86
N VAL A 405 28.33 -6.43 7.97
CA VAL A 405 27.06 -7.18 7.86
C VAL A 405 26.06 -6.66 8.89
N THR A 406 26.53 -6.60 10.14
CA THR A 406 25.69 -6.17 11.26
C THR A 406 25.08 -4.79 10.98
N VAL A 407 25.92 -3.82 10.64
CA VAL A 407 25.46 -2.45 10.38
C VAL A 407 24.51 -2.38 9.17
N ALA A 408 24.88 -3.07 8.10
CA ALA A 408 24.12 -3.08 6.83
C ALA A 408 22.68 -3.55 7.00
N MET A 409 22.52 -4.57 7.83
CA MET A 409 21.21 -5.13 8.20
C MET A 409 20.53 -4.30 9.28
N ASP A 410 21.31 -3.97 10.29
CA ASP A 410 20.87 -3.24 11.47
C ASP A 410 20.20 -1.97 11.03
N ARG A 411 20.67 -1.45 9.90
CA ARG A 411 20.17 -0.20 9.35
C ARG A 411 18.69 -0.35 8.99
N LYS A 412 18.36 -1.41 8.29
CA LYS A 412 16.97 -1.63 7.85
C LYS A 412 16.03 -1.99 9.03
N THR A 413 16.66 -2.55 10.06
CA THR A 413 16.06 -2.93 11.34
C THR A 413 15.64 -1.73 12.18
N LEU A 414 16.55 -0.79 12.28
CA LEU A 414 16.32 0.43 13.04
C LEU A 414 15.23 1.15 12.28
N LEU A 415 15.34 1.06 10.97
CA LEU A 415 14.46 1.77 10.05
C LEU A 415 13.02 1.32 10.11
N SER A 416 12.80 0.01 10.05
CA SER A 416 11.43 -0.54 10.06
C SER A 416 10.79 -0.27 11.39
N ARG A 417 11.61 -0.32 12.43
CA ARG A 417 11.16 -0.03 13.78
C ARG A 417 10.65 1.42 13.87
N GLU A 418 11.33 2.34 13.18
CA GLU A 418 10.93 3.76 13.22
C GLU A 418 9.55 3.98 12.57
N ARG A 419 9.29 3.30 11.46
CA ARG A 419 7.98 3.41 10.78
C ARG A 419 6.84 2.77 11.58
N LEU A 420 7.17 1.68 12.26
CA LEU A 420 6.22 1.03 13.17
C LEU A 420 5.87 1.94 14.33
N GLU A 421 6.90 2.54 14.91
CA GLU A 421 6.71 3.44 16.06
C GLU A 421 5.84 4.62 15.68
N ARG A 422 6.10 5.19 14.51
CA ARG A 422 5.33 6.33 14.03
C ARG A 422 3.86 5.96 13.87
N ALA A 423 3.62 4.78 13.32
CA ALA A 423 2.24 4.30 13.14
C ALA A 423 1.58 4.09 14.50
N PHE A 424 2.37 3.65 15.47
CA PHE A 424 1.89 3.45 16.85
C PHE A 424 1.44 4.78 17.46
N ARG A 425 2.32 5.78 17.35
CA ARG A 425 2.07 7.13 17.88
C ARG A 425 0.84 7.76 17.23
N MET A 426 0.75 7.61 15.91
CA MET A 426 -0.39 8.11 15.15
C MET A 426 -1.70 7.49 15.63
N PHE A 427 -1.70 6.17 15.81
CA PHE A 427 -2.88 5.43 16.27
C PHE A 427 -3.29 5.87 17.68
N ASP A 428 -2.29 6.13 18.51
CA ASP A 428 -2.49 6.58 19.89
C ASP A 428 -2.78 8.09 19.92
N SER A 429 -3.98 8.46 19.47
CA SER A 429 -4.36 9.87 19.25
C SER A 429 -4.50 10.69 20.52
N ASP A 430 -4.82 10.03 21.63
CA ASP A 430 -4.87 10.66 22.97
CA ASP A 430 -4.86 10.74 22.93
C ASP A 430 -3.50 10.78 23.66
N ASN A 431 -2.44 10.30 22.99
CA ASN A 431 -1.09 10.30 23.57
C ASN A 431 -1.06 9.62 24.94
N SER A 432 -1.86 8.57 25.10
CA SER A 432 -1.89 7.78 26.35
C SER A 432 -0.60 6.97 26.51
N GLY A 433 0.03 6.68 25.38
CA GLY A 433 1.24 5.84 25.34
C GLY A 433 0.94 4.36 25.34
N LYS A 434 -0.35 4.03 25.32
CA LYS A 434 -0.80 2.65 25.43
C LYS A 434 -1.84 2.32 24.36
N ILE A 435 -1.94 1.03 24.07
CA ILE A 435 -3.02 0.48 23.26
C ILE A 435 -3.78 -0.55 24.09
N SER A 436 -5.09 -0.44 24.11
CA SER A 436 -5.91 -1.34 24.92
C SER A 436 -6.05 -2.72 24.28
N SER A 437 -6.39 -3.70 25.10
CA SER A 437 -6.61 -5.06 24.61
C SER A 437 -7.72 -5.10 23.55
N THR A 438 -8.75 -4.28 23.74
CA THR A 438 -9.85 -4.14 22.75
C THR A 438 -9.33 -3.62 21.43
N GLU A 439 -8.44 -2.63 21.51
CA GLU A 439 -7.80 -2.05 20.32
C GLU A 439 -6.90 -3.05 19.62
N LEU A 440 -6.14 -3.80 20.42
CA LEU A 440 -5.28 -4.89 19.89
C LEU A 440 -6.11 -5.90 19.11
N ALA A 441 -7.28 -6.25 19.64
CA ALA A 441 -8.20 -7.17 18.96
C ALA A 441 -8.54 -6.65 17.56
N THR A 442 -8.83 -5.35 17.48
CA THR A 442 -9.18 -4.68 16.22
C THR A 442 -8.01 -4.70 15.26
N ILE A 443 -6.82 -4.39 15.79
CA ILE A 443 -5.59 -4.32 14.98
C ILE A 443 -5.20 -5.71 14.44
N PHE A 444 -5.15 -6.68 15.33
CA PHE A 444 -4.76 -8.05 14.96
C PHE A 444 -5.81 -8.71 14.07
N GLY A 445 -7.06 -8.27 14.21
CA GLY A 445 -8.15 -8.72 13.35
C GLY A 445 -7.94 -8.30 11.90
N VAL A 446 -7.64 -7.03 11.70
CA VAL A 446 -7.37 -6.46 10.38
C VAL A 446 -6.10 -7.06 9.77
N SER A 447 -5.13 -7.33 10.63
CA SER A 447 -3.86 -7.97 10.26
C SER A 447 -4.01 -9.47 10.12
N ASP A 448 -5.22 -9.96 10.43
CA ASP A 448 -5.59 -11.37 10.30
C ASP A 448 -4.65 -12.31 11.07
N VAL A 449 -4.17 -11.82 12.21
CA VAL A 449 -3.44 -12.65 13.16
C VAL A 449 -4.45 -13.35 14.07
N ASP A 450 -4.30 -14.65 14.18
CA ASP A 450 -5.26 -15.50 14.91
C ASP A 450 -5.48 -15.02 16.34
N SER A 451 -6.76 -14.93 16.71
CA SER A 451 -7.17 -14.34 17.99
C SER A 451 -6.53 -15.03 19.20
N GLU A 452 -6.54 -16.36 19.16
CA GLU A 452 -5.92 -17.19 20.21
C GLU A 452 -4.42 -16.93 20.30
N THR A 453 -3.81 -16.72 19.14
CA THR A 453 -2.35 -16.58 19.04
C THR A 453 -1.86 -15.26 19.65
N TRP A 454 -2.50 -14.17 19.29
CA TRP A 454 -2.06 -12.86 19.82
C TRP A 454 -2.39 -12.74 21.31
N LYS A 455 -3.54 -13.29 21.70
CA LYS A 455 -3.90 -13.35 23.13
C LYS A 455 -2.83 -14.12 23.90
N SER A 456 -2.38 -15.23 23.33
CA SER A 456 -1.32 -16.04 23.91
C SER A 456 -0.02 -15.24 24.09
N VAL A 457 0.38 -14.54 23.04
CA VAL A 457 1.59 -13.70 23.09
C VAL A 457 1.38 -12.50 24.04
N LEU A 458 0.17 -11.95 24.03
CA LEU A 458 -0.21 -10.85 24.95
C LEU A 458 -0.04 -11.29 26.40
N SER A 459 -0.44 -12.53 26.69
CA SER A 459 -0.32 -13.10 28.04
C SER A 459 1.12 -13.27 28.48
N GLU A 460 2.00 -13.55 27.52
CA GLU A 460 3.43 -13.72 27.81
C GLU A 460 4.11 -12.39 28.09
N VAL A 461 3.57 -11.31 27.51
CA VAL A 461 4.14 -9.96 27.68
C VAL A 461 3.46 -9.17 28.79
N ASP A 462 2.14 -9.08 28.71
CA ASP A 462 1.29 -8.46 29.76
C ASP A 462 1.06 -9.44 30.90
N LYS A 463 1.83 -9.27 31.97
CA LYS A 463 1.82 -10.23 33.08
C LYS A 463 1.23 -9.69 34.37
N ASN A 464 0.65 -8.50 34.29
CA ASN A 464 -0.08 -7.92 35.42
C ASN A 464 -1.56 -7.71 35.15
N ASN A 465 -2.06 -8.37 34.10
CA ASN A 465 -3.46 -8.24 33.68
C ASN A 465 -3.81 -6.76 33.52
N ASP A 466 -2.90 -6.01 32.92
CA ASP A 466 -3.10 -4.58 32.70
C ASP A 466 -4.17 -4.35 31.64
N GLY A 467 -4.21 -5.26 30.67
CA GLY A 467 -5.16 -5.16 29.56
C GLY A 467 -4.80 -4.05 28.57
N GLU A 468 -3.50 -3.78 28.49
CA GLU A 468 -2.98 -2.73 27.62
C GLU A 468 -1.49 -2.90 27.48
N VAL A 469 -0.96 -2.35 26.39
CA VAL A 469 0.47 -2.43 26.11
C VAL A 469 1.03 -1.10 25.63
N ASP A 470 2.24 -0.78 26.09
CA ASP A 470 2.97 0.37 25.56
C ASP A 470 3.66 -0.04 24.26
N PHE A 471 4.45 0.87 23.69
CA PHE A 471 5.06 0.59 22.39
C PHE A 471 6.05 -0.57 22.43
N ASP A 472 6.94 -0.53 23.42
CA ASP A 472 7.97 -1.56 23.60
C ASP A 472 7.32 -2.94 23.67
N GLU A 473 6.25 -3.01 24.47
CA GLU A 473 5.48 -4.25 24.67
C GLU A 473 4.83 -4.74 23.37
N PHE A 474 4.22 -3.80 22.65
CA PHE A 474 3.61 -4.08 21.35
C PHE A 474 4.65 -4.65 20.39
N GLN A 475 5.80 -3.97 20.32
CA GLN A 475 6.93 -4.45 19.50
C GLN A 475 7.34 -5.86 19.88
N GLN A 476 7.49 -6.10 21.19
CA GLN A 476 7.81 -7.43 21.71
C GLN A 476 6.81 -8.48 21.25
N MET A 477 5.52 -8.14 21.23
CA MET A 477 4.48 -9.06 20.76
C MET A 477 4.73 -9.44 19.30
N LEU A 478 5.00 -8.43 18.47
CA LEU A 478 5.23 -8.64 17.03
C LEU A 478 6.43 -9.54 16.78
N LEU A 479 7.49 -9.32 17.55
CA LEU A 479 8.70 -10.15 17.44
C LEU A 479 8.38 -11.61 17.77
N LYS A 480 7.57 -11.80 18.80
CA LYS A 480 7.14 -13.15 19.21
C LYS A 480 6.15 -13.77 18.21
N LEU A 481 5.48 -12.90 17.46
CA LEU A 481 4.55 -13.33 16.42
C LEU A 481 5.25 -13.63 15.10
N CYS A 482 6.55 -13.35 15.01
CA CYS A 482 7.35 -13.75 13.86
C CYS A 482 8.56 -14.59 14.26
N GLY A 483 8.32 -15.48 15.22
CA GLY A 483 9.26 -16.53 15.59
C GLY A 483 10.45 -16.07 16.41
N ASN A 484 10.33 -14.88 17.01
CA ASN A 484 11.37 -14.36 17.92
C ASN A 484 10.84 -14.10 19.33
#